data_1HV7
#
_entry.id   1HV7
#
_cell.length_a   49.568
_cell.length_b   58.327
_cell.length_c   74.054
_cell.angle_alpha   90.00
_cell.angle_beta   90.00
_cell.angle_gamma   90.00
#
_symmetry.space_group_name_H-M   'P 21 21 21'
#
loop_
_entity.id
_entity.type
_entity.pdbx_description
1 polymer 'ELASTASE 1'
2 non-polymer 'SULFATE ION'
3 non-polymer N-[2-(1-FORMYL-2-METHYL-PROPYL)-1-(4-PIPERIDIN-1-YL-BUT-2-ENOYL)-PYRROLIDIN-3-YL]-METHANESULFONAMIDE
4 water water
#
_entity_poly.entity_id   1
_entity_poly.type   'polypeptide(L)'
_entity_poly.pdbx_seq_one_letter_code
;VVGGTEAQRNSWPSQISLQYRSGSSWAHTCGGTLIRQNWVMTAAHCVDRELTFRVVVGEHNLNQNDGTEQYVGVQKIVVH
PYWNTDDVAAGYDIALLRLAQSVTLNSYVQLGVLPRAGTILANNSPCYITGWGLTRTNGQLAQTLQQAYLPTVDYAICSS
SSYWGSTVKNSMVCAGGDGVRSGCQGDSGGPLHCLVNGQYAVHGVTSFVSRLGCNVTRKPTVFTRVSAYISWINNVIASN
;
_entity_poly.pdbx_strand_id   A
#
loop_
_chem_comp.id
_chem_comp.type
_chem_comp.name
_chem_comp.formula
616 non-polymer N-[2-(1-FORMYL-2-METHYL-PROPYL)-1-(4-PIPERIDIN-1-YL-BUT-2-ENOYL)-PYRROLIDIN-3-YL]-METHANESULFONAMIDE 'C19 H33 N3 O4 S'
SO4 non-polymer 'SULFATE ION' 'O4 S -2'
#
# COMPACT_ATOMS: atom_id res chain seq x y z
N VAL A 1 -2.17 -0.25 -10.77
CA VAL A 1 -1.76 1.15 -11.02
C VAL A 1 -2.14 1.51 -12.44
N VAL A 2 -2.95 2.56 -12.56
CA VAL A 2 -3.39 3.04 -13.87
C VAL A 2 -2.39 4.10 -14.27
N GLY A 3 -1.95 4.07 -15.52
CA GLY A 3 -0.98 5.04 -16.04
C GLY A 3 0.42 4.89 -15.44
N GLY A 4 0.78 3.70 -15.07
CA GLY A 4 2.11 3.53 -14.51
C GLY A 4 3.14 3.12 -15.57
N THR A 5 4.35 2.86 -15.09
CA THR A 5 5.43 2.38 -15.94
C THR A 5 5.97 1.21 -15.16
N GLU A 6 6.65 0.30 -15.84
CA GLU A 6 7.20 -0.85 -15.12
C GLU A 6 8.34 -0.41 -14.22
N ALA A 7 8.27 -0.79 -12.94
CA ALA A 7 9.32 -0.45 -12.00
C ALA A 7 10.56 -1.28 -12.26
N GLN A 8 11.72 -0.69 -12.05
CA GLN A 8 12.93 -1.49 -12.16
C GLN A 8 12.81 -2.49 -10.99
N ARG A 9 13.29 -3.72 -11.16
CA ARG A 9 13.15 -4.71 -10.10
C ARG A 9 13.85 -4.42 -8.76
N ASN A 10 14.77 -3.46 -8.74
CA ASN A 10 15.41 -3.13 -7.47
C ASN A 10 15.09 -1.74 -6.94
N SER A 11 14.09 -1.07 -7.51
CA SER A 11 13.72 0.27 -7.04
C SER A 11 12.96 0.33 -5.72
N TRP A 12 12.08 -0.64 -5.52
CA TRP A 12 11.21 -0.64 -4.32
C TRP A 12 11.24 -1.99 -3.60
N PRO A 13 12.36 -2.28 -2.99
CA PRO A 13 12.55 -3.59 -2.34
C PRO A 13 11.68 -3.85 -1.10
N SER A 14 10.95 -2.84 -0.58
CA SER A 14 10.11 -3.13 0.58
C SER A 14 8.72 -3.53 0.12
N GLN A 15 8.44 -3.39 -1.18
CA GLN A 15 7.10 -3.76 -1.67
C GLN A 15 6.92 -5.27 -1.67
N ILE A 16 5.79 -5.74 -1.14
CA ILE A 16 5.48 -7.16 -1.18
C ILE A 16 4.13 -7.40 -1.87
N SER A 17 3.93 -8.65 -2.30
CA SER A 17 2.65 -9.08 -2.87
C SER A 17 1.98 -9.93 -1.79
N LEU A 18 0.74 -9.56 -1.43
CA LEU A 18 -0.04 -10.30 -0.44
C LEU A 18 -0.99 -11.14 -1.26
N GLN A 19 -0.92 -12.44 -1.03
CA GLN A 19 -1.71 -13.40 -1.78
C GLN A 19 -2.54 -14.31 -0.91
N TYR A 20 -3.63 -14.81 -1.45
CA TYR A 20 -4.45 -15.77 -0.68
C TYR A 20 -4.57 -17.08 -1.46
N ARG A 21 -4.82 -18.16 -0.73
CA ARG A 21 -4.93 -19.46 -1.34
C ARG A 21 -6.28 -19.57 -2.00
N SER A 22 -6.27 -20.01 -3.25
CA SER A 22 -7.49 -20.14 -4.04
C SER A 22 -7.33 -21.42 -4.85
N GLY A 23 -8.09 -22.45 -4.50
CA GLY A 23 -8.00 -23.72 -5.18
C GLY A 23 -6.61 -24.29 -4.92
N SER A 24 -5.92 -24.67 -6.00
CA SER A 24 -4.57 -25.23 -5.86
C SER A 24 -3.53 -24.16 -6.22
N SER A 25 -3.95 -22.90 -6.13
CA SER A 25 -3.02 -21.83 -6.47
C SER A 25 -3.10 -20.68 -5.49
N TRP A 26 -2.35 -19.63 -5.80
CA TRP A 26 -2.31 -18.44 -4.97
C TRP A 26 -2.71 -17.27 -5.83
N ALA A 27 -3.48 -16.36 -5.26
CA ALA A 27 -3.96 -15.21 -5.99
C ALA A 27 -3.48 -13.92 -5.35
N HIS A 28 -2.89 -13.02 -6.14
CA HIS A 28 -2.47 -11.72 -5.58
C HIS A 28 -3.74 -10.95 -5.22
N THR A 29 -3.79 -10.37 -4.02
CA THR A 29 -4.95 -9.58 -3.63
C THR A 29 -4.62 -8.14 -3.21
N CYS A 30 -3.39 -7.90 -2.75
CA CYS A 30 -3.05 -6.59 -2.30
C CYS A 30 -1.58 -6.37 -2.21
N GLY A 31 -1.20 -5.13 -1.95
CA GLY A 31 0.21 -4.85 -1.74
C GLY A 31 0.45 -4.79 -0.22
N GLY A 32 1.71 -4.58 0.16
CA GLY A 32 2.08 -4.45 1.57
C GLY A 32 3.51 -3.92 1.56
N THR A 33 4.00 -3.52 2.74
CA THR A 33 5.37 -3.00 2.90
C THR A 33 6.07 -3.82 3.98
N LEU A 34 7.22 -4.36 3.63
CA LEU A 34 7.99 -5.11 4.62
C LEU A 34 8.56 -4.08 5.60
N ILE A 35 8.27 -4.23 6.90
CA ILE A 35 8.79 -3.27 7.89
C ILE A 35 9.79 -3.85 8.90
N ARG A 36 9.74 -5.18 9.08
CA ARG A 36 10.70 -5.91 9.90
C ARG A 36 10.94 -7.16 9.06
N GLN A 37 12.01 -7.91 9.33
CA GLN A 37 12.21 -9.12 8.55
C GLN A 37 11.03 -10.04 8.73
N ASN A 38 10.25 -9.89 9.80
CA ASN A 38 9.09 -10.79 9.97
C ASN A 38 7.76 -10.06 10.13
N TRP A 39 7.71 -8.79 9.73
CA TRP A 39 6.45 -8.05 9.82
C TRP A 39 6.17 -7.27 8.54
N VAL A 40 4.90 -7.30 8.11
CA VAL A 40 4.47 -6.57 6.94
C VAL A 40 3.32 -5.65 7.31
N MET A 41 3.36 -4.41 6.77
CA MET A 41 2.32 -3.46 6.99
C MET A 41 1.44 -3.44 5.75
N THR A 42 0.14 -3.57 5.95
CA THR A 42 -0.81 -3.55 4.84
C THR A 42 -2.11 -2.87 5.26
N ALA A 43 -3.13 -2.95 4.40
CA ALA A 43 -4.43 -2.35 4.76
C ALA A 43 -5.28 -3.38 5.47
N ALA A 44 -6.05 -2.91 6.47
CA ALA A 44 -6.96 -3.82 7.17
C ALA A 44 -7.96 -4.46 6.20
N HIS A 45 -8.40 -3.67 5.22
CA HIS A 45 -9.36 -4.14 4.22
C HIS A 45 -8.80 -5.28 3.34
N CYS A 46 -7.47 -5.54 3.39
CA CYS A 46 -6.90 -6.62 2.61
C CYS A 46 -6.96 -7.94 3.33
N VAL A 47 -7.08 -7.86 4.65
CA VAL A 47 -7.04 -9.10 5.48
C VAL A 47 -8.21 -9.31 6.44
N ASP A 48 -9.28 -8.57 6.28
CA ASP A 48 -10.45 -8.73 7.13
C ASP A 48 -11.38 -9.75 6.48
N ARG A 49 -10.78 -10.83 5.98
CA ARG A 49 -11.50 -11.91 5.28
C ARG A 49 -11.06 -13.27 5.77
N GLU A 50 -11.90 -14.29 5.55
CA GLU A 50 -11.57 -15.63 6.07
C GLU A 50 -10.75 -16.44 5.11
N LEU A 51 -9.52 -15.97 4.88
CA LEU A 51 -8.64 -16.60 3.93
C LEU A 51 -7.30 -16.92 4.52
N THR A 52 -6.55 -17.75 3.80
CA THR A 52 -5.18 -18.14 4.16
C THR A 52 -4.30 -17.23 3.32
N PHE A 53 -3.38 -16.52 3.96
CA PHE A 53 -2.52 -15.59 3.22
C PHE A 53 -1.06 -15.95 3.26
N ARG A 54 -0.34 -15.47 2.25
CA ARG A 54 1.09 -15.61 2.21
C ARG A 54 1.59 -14.30 1.67
N VAL A 55 2.88 -14.04 1.91
CA VAL A 55 3.51 -12.84 1.41
C VAL A 55 4.64 -13.25 0.50
N VAL A 56 4.81 -12.50 -0.58
CA VAL A 56 5.94 -12.81 -1.44
C VAL A 56 6.84 -11.60 -1.46
N VAL A 57 8.12 -11.77 -1.08
CA VAL A 57 9.05 -10.65 -1.12
C VAL A 57 9.98 -10.91 -2.30
N GLY A 58 10.66 -9.90 -2.83
CA GLY A 58 11.54 -10.15 -3.96
C GLY A 58 10.74 -10.50 -5.18
N GLU A 59 9.50 -10.04 -5.22
CA GLU A 59 8.60 -10.32 -6.33
C GLU A 59 8.56 -9.18 -7.33
N HIS A 60 8.75 -9.51 -8.62
CA HIS A 60 8.67 -8.53 -9.69
C HIS A 60 7.51 -8.85 -10.63
N ASN A 61 7.44 -10.10 -11.09
CA ASN A 61 6.41 -10.54 -12.02
C ASN A 61 5.57 -11.61 -11.34
N LEU A 62 4.27 -11.36 -11.20
CA LEU A 62 3.42 -12.30 -10.51
C LEU A 62 3.22 -13.63 -11.22
N ASN A 63 3.49 -13.62 -12.52
CA ASN A 63 3.29 -14.79 -13.36
C ASN A 63 4.55 -15.47 -13.88
N GLN A 64 5.73 -14.97 -13.51
CA GLN A 64 6.97 -15.60 -13.96
C GLN A 64 7.97 -15.70 -12.85
N ASN A 65 8.82 -16.71 -12.94
CA ASN A 65 9.85 -16.86 -11.93
C ASN A 65 10.93 -15.77 -12.14
N ASP A 66 11.11 -14.92 -11.13
CA ASP A 66 12.08 -13.83 -11.18
C ASP A 66 13.48 -14.29 -10.75
N GLY A 67 13.50 -15.35 -9.96
CA GLY A 67 14.72 -15.88 -9.43
C GLY A 67 15.18 -15.10 -8.22
N THR A 68 14.29 -14.31 -7.61
CA THR A 68 14.61 -13.51 -6.43
C THR A 68 13.56 -13.60 -5.33
N GLU A 69 12.50 -14.34 -5.59
CA GLU A 69 11.42 -14.41 -4.63
C GLU A 69 11.63 -15.25 -3.37
N GLN A 70 10.96 -14.85 -2.29
CA GLN A 70 10.92 -15.63 -1.05
C GLN A 70 9.43 -15.66 -0.72
N TYR A 71 8.87 -16.86 -0.58
CA TYR A 71 7.46 -17.07 -0.30
C TYR A 71 7.33 -17.42 1.18
N VAL A 72 6.51 -16.67 1.92
CA VAL A 72 6.38 -16.93 3.36
C VAL A 72 4.97 -16.83 3.84
N GLY A 73 4.55 -17.76 4.70
CA GLY A 73 3.17 -17.72 5.16
C GLY A 73 2.97 -16.66 6.21
N VAL A 74 1.72 -16.27 6.39
CA VAL A 74 1.36 -15.26 7.39
C VAL A 74 0.96 -16.04 8.63
N GLN A 75 1.64 -15.77 9.75
CA GLN A 75 1.39 -16.46 11.00
C GLN A 75 0.36 -15.80 11.90
N LYS A 76 0.38 -14.47 11.94
CA LYS A 76 -0.56 -13.74 12.77
C LYS A 76 -0.96 -12.43 12.12
N ILE A 77 -2.24 -12.05 12.29
CA ILE A 77 -2.73 -10.82 11.72
C ILE A 77 -3.31 -9.92 12.78
N VAL A 78 -2.83 -8.68 12.84
CA VAL A 78 -3.34 -7.71 13.80
C VAL A 78 -3.93 -6.55 13.06
N VAL A 79 -5.25 -6.47 13.03
CA VAL A 79 -5.93 -5.37 12.35
C VAL A 79 -6.13 -4.23 13.32
N HIS A 80 -6.10 -2.98 12.86
CA HIS A 80 -6.33 -1.89 13.78
C HIS A 80 -7.68 -2.16 14.49
N PRO A 81 -7.70 -2.03 15.80
CA PRO A 81 -8.92 -2.33 16.55
C PRO A 81 -10.12 -1.42 16.26
N TYR A 82 -9.96 -0.25 15.63
CA TYR A 82 -11.12 0.57 15.37
C TYR A 82 -11.58 0.41 13.95
N TRP A 83 -10.93 -0.48 13.20
CA TRP A 83 -11.30 -0.72 11.81
C TRP A 83 -12.71 -1.30 11.68
N ASN A 84 -13.46 -0.85 10.68
CA ASN A 84 -14.81 -1.36 10.41
C ASN A 84 -14.84 -1.58 8.91
N THR A 85 -14.93 -2.83 8.49
CA THR A 85 -14.93 -3.22 7.09
C THR A 85 -15.90 -2.45 6.20
N ASP A 86 -17.06 -2.14 6.73
CA ASP A 86 -18.03 -1.45 5.90
C ASP A 86 -17.98 0.05 6.03
N ASP A 87 -16.89 0.58 6.61
CA ASP A 87 -16.75 2.03 6.79
C ASP A 87 -15.29 2.42 6.52
N VAL A 88 -14.78 2.12 5.32
CA VAL A 88 -13.38 2.50 5.04
C VAL A 88 -13.16 4.03 5.19
N ALA A 89 -14.20 4.82 4.93
CA ALA A 89 -14.06 6.29 5.05
C ALA A 89 -13.78 6.81 6.46
N ALA A 90 -14.02 5.97 7.47
CA ALA A 90 -13.78 6.37 8.84
C ALA A 90 -12.28 6.37 9.09
N GLY A 91 -11.56 5.56 8.31
CA GLY A 91 -10.11 5.46 8.47
C GLY A 91 -9.75 4.15 9.17
N TYR A 92 -8.58 4.14 9.82
CA TYR A 92 -8.06 2.96 10.54
C TYR A 92 -7.78 1.79 9.58
N ASP A 93 -7.55 2.06 8.29
CA ASP A 93 -7.31 1.00 7.31
C ASP A 93 -5.84 0.58 7.35
N ILE A 94 -5.48 -0.17 8.39
CA ILE A 94 -4.12 -0.62 8.53
C ILE A 94 -4.09 -1.92 9.33
N ALA A 95 -3.11 -2.75 9.01
CA ALA A 95 -2.95 -4.02 9.68
C ALA A 95 -1.52 -4.46 9.60
N LEU A 96 -1.10 -5.25 10.58
CA LEU A 96 0.28 -5.77 10.56
C LEU A 96 0.21 -7.27 10.48
N LEU A 97 1.11 -7.85 9.70
CA LEU A 97 1.14 -9.28 9.52
C LEU A 97 2.46 -9.82 10.03
N ARG A 98 2.44 -10.76 10.97
CA ARG A 98 3.68 -11.36 11.44
C ARG A 98 3.90 -12.59 10.54
N LEU A 99 5.06 -12.69 9.94
CA LEU A 99 5.37 -13.77 9.00
C LEU A 99 5.86 -15.01 9.73
N ALA A 100 5.65 -16.16 9.09
CA ALA A 100 6.05 -17.45 9.70
C ALA A 100 7.57 -17.61 9.81
N GLN A 101 8.29 -16.90 8.97
CA GLN A 101 9.74 -16.93 8.98
C GLN A 101 10.25 -15.52 8.73
N SER A 102 11.50 -15.26 9.12
CA SER A 102 12.09 -13.96 8.87
C SER A 102 12.72 -14.04 7.49
N VAL A 103 12.43 -13.08 6.61
CA VAL A 103 13.02 -13.11 5.27
C VAL A 103 14.46 -12.60 5.27
N THR A 104 15.20 -12.99 4.23
CA THR A 104 16.57 -12.58 4.07
C THR A 104 16.62 -11.28 3.24
N LEU A 105 17.36 -10.29 3.73
CA LEU A 105 17.48 -9.03 3.02
C LEU A 105 18.58 -9.00 1.97
N ASN A 106 18.32 -8.30 0.87
CA ASN A 106 19.23 -8.17 -0.26
C ASN A 106 18.75 -7.00 -1.12
N SER A 107 19.25 -6.85 -2.33
CA SER A 107 18.81 -5.69 -3.08
C SER A 107 17.35 -5.71 -3.52
N TYR A 108 16.71 -6.88 -3.44
CA TYR A 108 15.33 -7.01 -3.84
C TYR A 108 14.41 -7.07 -2.62
N VAL A 109 15.00 -7.14 -1.43
CA VAL A 109 14.22 -7.29 -0.21
C VAL A 109 14.81 -6.43 0.90
N GLN A 110 14.14 -5.32 1.20
CA GLN A 110 14.63 -4.41 2.24
C GLN A 110 13.50 -3.90 3.10
N LEU A 111 13.81 -3.39 4.29
CA LEU A 111 12.75 -2.87 5.12
C LEU A 111 12.39 -1.45 4.65
N GLY A 112 11.10 -1.15 4.65
CA GLY A 112 10.65 0.14 4.27
C GLY A 112 10.84 1.12 5.43
N VAL A 113 11.29 2.32 5.12
CA VAL A 113 11.47 3.28 6.19
C VAL A 113 10.18 4.07 6.35
N LEU A 114 9.72 4.20 7.60
CA LEU A 114 8.50 4.95 7.91
C LEU A 114 8.85 6.35 8.42
N PRO A 115 7.97 7.32 8.17
CA PRO A 115 8.20 8.70 8.61
C PRO A 115 8.12 8.82 10.10
N ARG A 116 8.66 9.92 10.64
CA ARG A 116 8.53 10.12 12.09
C ARG A 116 7.05 10.42 12.37
N ALA A 117 6.60 10.10 13.57
CA ALA A 117 5.21 10.31 13.94
C ALA A 117 4.79 11.74 13.73
N GLY A 118 3.58 11.90 13.18
CA GLY A 118 3.01 13.22 12.96
C GLY A 118 3.42 13.94 11.68
N THR A 119 4.38 13.41 10.96
CA THR A 119 4.84 14.08 9.74
C THR A 119 3.76 14.21 8.67
N ILE A 120 3.62 15.44 8.17
CA ILE A 120 2.68 15.78 7.11
C ILE A 120 3.47 16.37 5.96
N LEU A 121 3.18 15.94 4.75
CA LEU A 121 3.91 16.46 3.61
C LEU A 121 3.32 17.73 3.05
N ALA A 122 4.18 18.59 2.52
CA ALA A 122 3.68 19.80 1.91
C ALA A 122 2.88 19.39 0.68
N ASN A 123 1.93 20.23 0.30
CA ASN A 123 1.15 19.98 -0.89
C ASN A 123 2.06 19.77 -2.09
N ASN A 124 1.63 18.87 -2.96
CA ASN A 124 2.34 18.55 -4.18
C ASN A 124 3.70 17.94 -3.93
N SER A 125 3.85 17.18 -2.84
CA SER A 125 5.13 16.54 -2.55
C SER A 125 5.29 15.35 -3.49
N PRO A 126 6.52 15.09 -3.94
CA PRO A 126 6.76 14.01 -4.87
C PRO A 126 6.68 12.62 -4.26
N CYS A 127 5.83 11.79 -4.85
CA CYS A 127 5.66 10.42 -4.39
C CYS A 127 5.34 9.49 -5.56
N TYR A 128 5.63 8.21 -5.33
CA TYR A 128 5.29 7.17 -6.28
C TYR A 128 4.43 6.12 -5.61
N ILE A 129 3.36 5.71 -6.27
CA ILE A 129 2.58 4.58 -5.76
C ILE A 129 3.14 3.37 -6.51
N THR A 130 3.24 2.21 -5.86
CA THR A 130 3.67 1.01 -6.56
C THR A 130 2.68 -0.11 -6.33
N GLY A 131 2.59 -1.01 -7.30
CA GLY A 131 1.71 -2.15 -7.13
C GLY A 131 1.37 -2.96 -8.34
N TRP A 132 0.68 -4.08 -8.14
CA TRP A 132 0.29 -4.90 -9.28
C TRP A 132 -1.19 -4.79 -9.58
N GLY A 133 -1.85 -3.76 -9.04
CA GLY A 133 -3.28 -3.57 -9.22
C GLY A 133 -3.68 -3.36 -10.67
N LEU A 134 -4.99 -3.29 -10.90
CA LEU A 134 -5.50 -3.09 -12.26
C LEU A 134 -4.81 -1.96 -12.98
N THR A 135 -4.57 -2.16 -14.27
CA THR A 135 -3.93 -1.12 -15.07
C THR A 135 -4.93 -0.15 -15.69
N ARG A 136 -6.22 -0.48 -15.56
CA ARG A 136 -7.31 0.40 -16.02
C ARG A 136 -8.49 0.14 -15.07
N THR A 137 -9.37 1.13 -14.94
CA THR A 137 -10.58 0.95 -14.14
C THR A 137 -11.28 -0.30 -14.71
N ASN A 138 -11.74 -1.20 -13.84
CA ASN A 138 -12.38 -2.45 -14.27
C ASN A 138 -11.53 -3.27 -15.26
N GLY A 139 -10.22 -3.12 -15.16
CA GLY A 139 -9.29 -3.85 -16.02
C GLY A 139 -8.71 -5.09 -15.36
N GLN A 140 -7.43 -5.35 -15.64
CA GLN A 140 -6.80 -6.53 -15.08
C GLN A 140 -5.51 -6.21 -14.38
N LEU A 141 -5.12 -7.12 -13.49
CA LEU A 141 -3.88 -6.90 -12.76
C LEU A 141 -2.69 -6.85 -13.67
N ALA A 142 -1.69 -6.12 -13.20
CA ALA A 142 -0.44 -6.05 -13.94
C ALA A 142 0.32 -7.33 -13.69
N GLN A 143 1.16 -7.73 -14.65
CA GLN A 143 2.04 -8.89 -14.41
C GLN A 143 3.30 -8.37 -13.71
N THR A 144 3.87 -7.26 -14.19
CA THR A 144 5.08 -6.69 -13.57
C THR A 144 4.76 -5.54 -12.65
N LEU A 145 5.56 -5.35 -11.60
CA LEU A 145 5.32 -4.27 -10.66
C LEU A 145 5.29 -2.92 -11.37
N GLN A 146 4.26 -2.12 -11.12
CA GLN A 146 4.17 -0.82 -11.75
C GLN A 146 4.37 0.29 -10.73
N GLN A 147 4.75 1.45 -11.24
CA GLN A 147 4.90 2.63 -10.41
C GLN A 147 4.27 3.81 -11.13
N ALA A 148 3.72 4.76 -10.37
CA ALA A 148 3.18 5.96 -10.99
C ALA A 148 3.48 7.15 -10.09
N TYR A 149 3.86 8.27 -10.69
CA TYR A 149 4.17 9.47 -9.94
C TYR A 149 2.85 10.12 -9.54
N LEU A 150 2.62 10.24 -8.23
CA LEU A 150 1.39 10.85 -7.71
C LEU A 150 1.76 11.86 -6.66
N PRO A 151 1.82 13.12 -7.01
CA PRO A 151 2.19 14.13 -5.99
C PRO A 151 1.05 14.27 -5.00
N THR A 152 1.38 14.61 -3.77
CA THR A 152 0.34 14.72 -2.77
C THR A 152 -0.59 15.90 -2.98
N VAL A 153 -1.77 15.75 -2.41
CA VAL A 153 -2.82 16.79 -2.39
C VAL A 153 -3.08 16.93 -0.89
N ASP A 154 -2.72 18.07 -0.31
CA ASP A 154 -2.87 18.27 1.13
C ASP A 154 -4.28 18.12 1.68
N TYR A 155 -4.39 17.92 3.00
CA TYR A 155 -5.69 17.74 3.59
C TYR A 155 -6.68 18.85 3.26
N ALA A 156 -6.22 20.09 3.33
CA ALA A 156 -7.08 21.24 3.04
C ALA A 156 -7.68 21.17 1.65
N ILE A 157 -6.90 20.80 0.65
CA ILE A 157 -7.44 20.74 -0.70
C ILE A 157 -8.23 19.45 -0.89
N CYS A 158 -7.66 18.37 -0.38
CA CYS A 158 -8.31 17.08 -0.55
C CYS A 158 -9.69 16.97 0.06
N SER A 159 -9.88 17.66 1.18
CA SER A 159 -11.15 17.57 1.85
C SER A 159 -12.10 18.67 1.38
N SER A 160 -11.70 19.40 0.33
CA SER A 160 -12.59 20.44 -0.20
C SER A 160 -13.71 19.79 -1.04
N SER A 161 -14.80 20.51 -1.28
CA SER A 161 -15.95 19.97 -2.01
C SER A 161 -15.75 19.38 -3.41
N SER A 162 -14.89 19.98 -4.23
CA SER A 162 -14.69 19.42 -5.57
C SER A 162 -13.74 18.23 -5.55
N TYR A 163 -13.08 18.02 -4.42
CA TYR A 163 -12.21 16.85 -4.26
C TYR A 163 -12.99 15.76 -3.51
N TRP A 164 -12.55 15.37 -2.31
CA TRP A 164 -13.25 14.31 -1.61
C TRP A 164 -14.18 14.75 -0.49
N GLY A 165 -14.21 16.04 -0.22
CA GLY A 165 -15.05 16.52 0.87
C GLY A 165 -14.73 15.87 2.20
N SER A 166 -15.74 15.62 3.02
CA SER A 166 -15.44 15.04 4.32
C SER A 166 -15.15 13.55 4.32
N THR A 167 -15.20 12.92 3.16
CA THR A 167 -14.90 11.50 3.06
C THR A 167 -13.43 11.28 3.50
N VAL A 168 -12.57 12.25 3.21
CA VAL A 168 -11.16 12.14 3.57
C VAL A 168 -10.96 12.72 4.97
N LYS A 169 -10.20 12.01 5.82
CA LYS A 169 -9.96 12.45 7.19
C LYS A 169 -8.51 12.87 7.33
N ASN A 170 -8.20 13.53 8.44
CA ASN A 170 -6.80 13.97 8.58
C ASN A 170 -5.83 12.81 8.79
N SER A 171 -6.35 11.61 9.02
CA SER A 171 -5.51 10.44 9.23
C SER A 171 -5.19 9.78 7.90
N MET A 172 -5.49 10.48 6.82
CA MET A 172 -5.23 9.97 5.50
C MET A 172 -4.35 10.90 4.71
N VAL A 173 -3.74 10.32 3.68
CA VAL A 173 -2.93 11.06 2.74
C VAL A 173 -3.59 10.92 1.37
N CYS A 174 -3.69 12.03 0.64
CA CYS A 174 -4.23 11.99 -0.71
C CYS A 174 -3.09 12.23 -1.70
N ALA A 175 -3.14 11.56 -2.83
CA ALA A 175 -2.09 11.79 -3.83
C ALA A 175 -2.60 11.48 -5.22
N GLY A 176 -2.24 12.34 -6.16
CA GLY A 176 -2.62 12.16 -7.56
C GLY A 176 -3.86 12.95 -7.93
N GLY A 177 -4.82 12.26 -8.55
CA GLY A 177 -6.06 12.91 -8.94
C GLY A 177 -5.96 13.62 -10.28
N ASP A 178 -4.94 13.31 -11.08
CA ASP A 178 -4.78 13.97 -12.38
C ASP A 178 -5.65 13.42 -13.51
N GLY A 179 -6.39 12.36 -13.22
CA GLY A 179 -7.27 11.74 -14.21
C GLY A 179 -6.59 10.71 -15.11
N VAL A 180 -5.27 10.53 -15.00
CA VAL A 180 -4.52 9.62 -15.84
C VAL A 180 -3.83 8.55 -15.00
N ARG A 181 -3.24 9.01 -13.89
CA ARG A 181 -2.50 8.11 -12.96
C ARG A 181 -3.19 7.87 -11.65
N SER A 182 -3.12 6.63 -11.15
CA SER A 182 -3.78 6.32 -9.89
C SER A 182 -3.58 4.88 -9.44
N GLY A 183 -3.97 4.60 -8.21
CA GLY A 183 -3.90 3.25 -7.69
C GLY A 183 -5.22 2.66 -8.22
N CYS A 184 -5.36 1.34 -8.17
CA CYS A 184 -6.57 0.66 -8.65
C CYS A 184 -6.66 -0.65 -7.88
N GLN A 185 -7.77 -1.39 -8.04
CA GLN A 185 -7.97 -2.62 -7.28
C GLN A 185 -6.75 -3.55 -7.33
N GLY A 186 -6.33 -4.07 -6.18
CA GLY A 186 -5.15 -4.90 -6.19
C GLY A 186 -3.91 -4.11 -5.70
N ASP A 187 -4.00 -2.78 -5.68
CA ASP A 187 -2.90 -1.94 -5.16
C ASP A 187 -3.10 -1.67 -3.66
N SER A 188 -4.34 -1.78 -3.19
CA SER A 188 -4.66 -1.57 -1.78
C SER A 188 -3.67 -2.30 -0.89
N GLY A 189 -3.32 -1.65 0.22
CA GLY A 189 -2.39 -2.24 1.16
C GLY A 189 -0.93 -1.91 0.87
N GLY A 190 -0.63 -1.56 -0.39
CA GLY A 190 0.75 -1.26 -0.74
C GLY A 190 1.17 0.16 -0.32
N PRO A 191 2.41 0.47 -0.60
CA PRO A 191 2.99 1.75 -0.25
C PRO A 191 2.80 2.94 -1.19
N LEU A 192 2.89 4.12 -0.57
CA LEU A 192 2.96 5.40 -1.26
C LEU A 192 4.37 5.81 -0.78
N HIS A 193 5.35 5.86 -1.69
CA HIS A 193 6.74 6.21 -1.34
C HIS A 193 6.92 7.68 -1.65
N CYS A 194 7.31 8.46 -0.64
CA CYS A 194 7.49 9.90 -0.82
C CYS A 194 8.89 10.32 -0.52
N LEU A 195 9.44 11.19 -1.38
CA LEU A 195 10.82 11.67 -1.25
C LEU A 195 10.90 12.88 -0.35
N VAL A 196 11.65 12.75 0.74
CA VAL A 196 11.78 13.83 1.70
C VAL A 196 13.22 13.88 2.12
N ASN A 197 13.81 15.04 1.98
CA ASN A 197 15.22 15.19 2.37
C ASN A 197 16.11 14.13 1.73
N GLY A 198 15.86 13.83 0.45
CA GLY A 198 16.68 12.89 -0.28
C GLY A 198 16.43 11.42 -0.18
N GLN A 199 15.57 11.03 0.76
CA GLN A 199 15.28 9.61 0.92
C GLN A 199 13.79 9.33 0.78
N TYR A 200 13.47 8.17 0.21
CA TYR A 200 12.06 7.77 0.11
C TYR A 200 11.63 7.10 1.40
N ALA A 201 10.41 7.42 1.85
CA ALA A 201 9.82 6.84 3.04
C ALA A 201 8.39 6.44 2.66
N VAL A 202 7.85 5.45 3.33
CA VAL A 202 6.48 5.00 3.03
C VAL A 202 5.53 5.81 3.89
N HIS A 203 4.91 6.81 3.26
CA HIS A 203 3.99 7.69 3.94
C HIS A 203 2.55 7.25 3.89
N GLY A 204 2.24 6.34 2.98
CA GLY A 204 0.86 5.90 2.89
C GLY A 204 0.68 4.44 2.61
N VAL A 205 -0.47 3.92 3.05
CA VAL A 205 -0.93 2.54 2.81
C VAL A 205 -2.17 2.74 1.93
N THR A 206 -2.10 2.26 0.68
CA THR A 206 -3.20 2.44 -0.29
C THR A 206 -4.51 1.94 0.27
N SER A 207 -5.53 2.80 0.27
CA SER A 207 -6.83 2.46 0.87
C SER A 207 -8.06 2.54 -0.04
N PHE A 208 -8.27 3.67 -0.73
CA PHE A 208 -9.45 3.71 -1.59
C PHE A 208 -9.39 4.68 -2.76
N VAL A 209 -10.30 4.44 -3.71
CA VAL A 209 -10.46 5.31 -4.88
C VAL A 209 -11.95 5.64 -5.05
N SER A 210 -12.25 6.48 -6.03
CA SER A 210 -13.58 6.91 -6.38
C SER A 210 -14.49 5.79 -6.90
N ARG A 211 -15.79 5.94 -6.65
CA ARG A 211 -16.75 4.95 -7.12
C ARG A 211 -16.87 5.09 -8.60
N LEU A 212 -16.44 6.23 -9.13
CA LEU A 212 -16.50 6.49 -10.58
C LEU A 212 -15.38 5.80 -11.31
N GLY A 213 -14.33 5.41 -10.59
CA GLY A 213 -13.21 4.75 -11.27
C GLY A 213 -11.92 5.02 -10.53
N CYS A 214 -10.85 4.42 -11.02
CA CYS A 214 -9.54 4.58 -10.42
C CYS A 214 -8.93 5.95 -10.71
N ASN A 215 -8.71 6.24 -11.99
CA ASN A 215 -8.12 7.51 -12.36
C ASN A 215 -9.22 8.48 -12.67
N VAL A 216 -9.64 9.23 -11.66
CA VAL A 216 -10.72 10.21 -11.84
C VAL A 216 -10.19 11.57 -11.43
N THR A 217 -10.39 12.58 -12.27
CA THR A 217 -9.87 13.89 -11.95
C THR A 217 -10.45 14.45 -10.68
N ARG A 218 -9.58 14.99 -9.83
CA ARG A 218 -9.97 15.54 -8.55
C ARG A 218 -10.43 14.50 -7.55
N LYS A 219 -10.13 13.21 -7.81
CA LYS A 219 -10.42 12.15 -6.82
C LYS A 219 -9.09 11.39 -6.68
N PRO A 220 -8.12 12.04 -6.05
CA PRO A 220 -6.80 11.40 -5.89
C PRO A 220 -6.93 10.11 -5.11
N THR A 221 -5.94 9.24 -5.30
CA THR A 221 -6.00 7.99 -4.54
C THR A 221 -5.86 8.35 -3.05
N VAL A 222 -6.55 7.62 -2.18
CA VAL A 222 -6.49 7.91 -0.76
C VAL A 222 -5.75 6.78 -0.04
N PHE A 223 -4.89 7.19 0.91
CA PHE A 223 -4.07 6.27 1.67
C PHE A 223 -4.14 6.51 3.15
N THR A 224 -3.94 5.45 3.93
CA THR A 224 -3.90 5.64 5.38
C THR A 224 -2.59 6.38 5.63
N ARG A 225 -2.61 7.42 6.46
CA ARG A 225 -1.38 8.17 6.73
C ARG A 225 -0.52 7.42 7.72
N VAL A 226 0.59 6.85 7.25
CA VAL A 226 1.43 6.03 8.13
C VAL A 226 1.87 6.74 9.40
N SER A 227 2.25 8.00 9.25
CA SER A 227 2.75 8.79 10.37
C SER A 227 1.76 9.03 11.49
N ALA A 228 0.49 8.74 11.25
CA ALA A 228 -0.53 8.86 12.27
C ALA A 228 -0.58 7.59 13.10
N TYR A 229 0.12 6.55 12.64
CA TYR A 229 0.10 5.24 13.28
C TYR A 229 1.40 4.69 13.84
N ILE A 230 2.43 5.53 13.93
CA ILE A 230 3.71 5.04 14.43
C ILE A 230 3.62 4.40 15.83
N SER A 231 2.93 5.06 16.77
CA SER A 231 2.84 4.43 18.11
C SER A 231 2.11 3.10 18.04
N TRP A 232 1.03 3.07 17.26
CA TRP A 232 0.25 1.84 17.13
C TRP A 232 1.14 0.73 16.57
N ILE A 233 1.85 1.01 15.50
CA ILE A 233 2.72 0.02 14.91
C ILE A 233 3.75 -0.45 15.93
N ASN A 234 4.45 0.48 16.57
CA ASN A 234 5.43 0.10 17.58
C ASN A 234 4.84 -0.77 18.69
N ASN A 235 3.64 -0.40 19.14
CA ASN A 235 2.97 -1.13 20.22
C ASN A 235 2.65 -2.58 19.83
N VAL A 236 2.21 -2.74 18.59
CA VAL A 236 1.88 -4.06 18.13
C VAL A 236 3.09 -4.96 18.00
N ILE A 237 4.15 -4.43 17.40
CA ILE A 237 5.36 -5.23 17.20
C ILE A 237 5.96 -5.64 18.52
N ALA A 238 5.92 -4.73 19.49
CA ALA A 238 6.47 -5.00 20.83
C ALA A 238 5.64 -6.01 21.64
N SER A 239 4.32 -6.03 21.46
CA SER A 239 3.50 -6.97 22.21
C SER A 239 3.33 -8.31 21.51
N ASN A 240 3.92 -8.44 20.33
CA ASN A 240 3.82 -9.68 19.55
C ASN A 240 5.18 -10.26 19.12
S SO4 B . -0.94 12.73 14.12
O1 SO4 B . -1.02 11.92 15.35
O2 SO4 B . -2.24 13.01 13.58
O3 SO4 B . -0.02 12.08 13.23
O4 SO4 B . -0.38 13.99 14.52
O5 616 C . -7.35 -1.87 -3.91
C30 616 C . -7.72 -1.14 -3.01
C7 616 C . -8.79 -0.05 -3.10
C27 616 C . -8.48 1.10 -4.12
C17 616 C . -7.11 1.65 -3.67
C1 616 C . -8.43 0.56 -5.55
C8 616 C . -10.19 -0.73 -3.23
C29 616 C . -10.28 -2.18 -2.78
N2 616 C . -11.51 -2.64 -3.38
S1 616 C . -11.51 -4.23 -3.98
O2 616 C . -11.82 -5.15 -2.70
O1 616 C . -10.17 -4.56 -4.57
C3 616 C . -12.78 -4.39 -5.05
C28 616 C . -10.50 -2.18 -1.26
C26 616 C . -11.42 -0.93 -1.12
N1 616 C . -11.18 -0.17 -2.33
C2 616 C . -11.92 0.95 -2.53
O3 616 C . -11.70 1.69 -3.47
C4 616 C . -13.05 1.19 -1.57
C5 616 C . -13.85 2.39 -1.94
C6 616 C . -15.17 2.46 -1.18
N49 616 C . -15.60 3.86 -1.01
C50 616 C . -16.95 3.86 -0.35
C45 616 C . -17.42 5.31 -0.22
C46 616 C . -16.45 6.08 0.64
C47 616 C . -15.03 6.07 0.06
C48 616 C . -14.64 4.60 -0.14
#